data_2RIM
#
_entry.id   2RIM
#
_cell.length_a   147.401
_cell.length_b   69.233
_cell.length_c   55.661
_cell.angle_alpha   90.00
_cell.angle_beta   94.93
_cell.angle_gamma   90.00
#
_symmetry.space_group_name_H-M   'C 1 2 1'
#
loop_
_entity.id
_entity.type
_entity.pdbx_description
1 polymer 'Regulator of Ty1 transposition protein 109'
2 water water
#
_entity_poly.entity_id   1
_entity_poly.type   'polypeptide(L)'
_entity_poly.pdbx_seq_one_letter_code
;MGSSHHHHHHSSGLVPRGSH(MSE)(MSE)SLNDFLSSVLPVSEQFEYLSLQSIPLETHAVVTPNKDDKRVPKSTIKTQH
FFSLFHQGKVFFSLEVYVYVTLWDEADAERLIFVSKADTNGYCNTRVSVRDITKIILEFILSIDPNYYLQKVKPAIRSYK
KISPELISAASTPARTLRILARRLKQSGSTVLKEIESPRFQQDLYLSFTCPREILTKICLFTRPASQYLFPDSSKNSKKH
ILNGEEL(MSE)KWWGFILDRLLIECFQNDTQAKLRIPGEDPARVRSYLRG(MSE)KYPLWQVGDIFTSKENSLAVYNIP
LFPDDPKARFIHQLAEEDRLLKVSLSSFWIELQERQEFKLSVTSSV(MSE)GISGYSLATPSLFPSSADVIVPKSRKQFR
AIKKYITGEEYDTEEGAIEAFTNIRDFLLLR(MSE)ATNLQSLTGKREHRERNQPVPASNINTLAITMLKPRKKAKALPK
T
;
_entity_poly.pdbx_strand_id   A
#
# COMPACT_ATOMS: atom_id res chain seq x y z
N HIS A 20 -12.21 17.54 12.68
CA HIS A 20 -11.23 18.62 12.55
C HIS A 20 -10.17 18.26 11.51
N MSE A 21 -9.81 17.01 11.42
CA MSE A 21 -8.88 16.69 10.39
C MSE A 21 -9.70 16.15 9.23
O MSE A 21 -10.42 15.16 9.37
CB MSE A 21 -7.80 15.73 10.86
CG MSE A 21 -6.95 16.30 12.00
SE MSE A 21 -5.52 15.29 12.37
CE MSE A 21 -4.51 15.57 10.92
N MSE A 22 -9.56 16.81 8.08
CA MSE A 22 -10.33 16.40 6.92
C MSE A 22 -9.51 16.09 5.66
O MSE A 22 -9.62 14.99 5.09
CB MSE A 22 -11.41 17.44 6.64
CG MSE A 22 -12.56 17.36 7.63
SE MSE A 22 -13.72 18.92 7.59
CE MSE A 22 -12.67 20.11 8.73
N SER A 23 -8.71 17.02 5.22
CA SER A 23 -7.89 16.89 4.00
C SER A 23 -6.51 16.27 4.24
N LEU A 24 -5.93 15.73 3.20
CA LEU A 24 -4.59 15.18 3.30
C LEU A 24 -3.62 16.30 3.77
N ASN A 25 -3.93 17.56 3.44
CA ASN A 25 -3.19 18.71 3.93
C ASN A 25 -3.22 18.80 5.47
N ASP A 26 -4.42 18.77 6.07
CA ASP A 26 -4.62 18.70 7.53
C ASP A 26 -3.83 17.58 8.22
N PHE A 27 -3.94 16.36 7.71
CA PHE A 27 -3.24 15.21 8.29
C PHE A 27 -1.71 15.41 8.32
N LEU A 28 -1.12 15.56 7.13
CA LEU A 28 0.32 15.81 6.99
C LEU A 28 0.76 17.03 7.83
N SER A 29 0.15 18.18 7.61
CA SER A 29 0.51 19.36 8.41
C SER A 29 0.66 19.04 9.87
N SER A 30 -0.28 18.28 10.44
CA SER A 30 -0.29 17.97 11.88
C SER A 30 0.92 17.18 12.41
N VAL A 31 1.59 16.38 11.56
CA VAL A 31 2.77 15.61 11.97
C VAL A 31 4.11 16.24 11.53
N LEU A 32 4.04 17.35 10.78
CA LEU A 32 5.23 18.05 10.29
C LEU A 32 5.54 19.22 11.19
N PRO A 33 6.85 19.52 11.40
CA PRO A 33 7.39 20.43 12.41
C PRO A 33 6.96 21.90 12.28
N VAL A 34 6.69 22.57 13.40
CA VAL A 34 6.07 23.92 13.37
C VAL A 34 6.74 24.79 12.35
N SER A 35 5.91 25.53 11.59
CA SER A 35 6.37 26.60 10.71
C SER A 35 7.33 26.21 9.57
N GLU A 36 7.42 24.93 9.19
CA GLU A 36 8.33 24.48 8.13
C GLU A 36 7.59 24.05 6.87
N GLN A 37 8.17 24.36 5.71
CA GLN A 37 7.48 24.29 4.43
C GLN A 37 7.77 22.96 3.75
N PHE A 38 6.72 22.26 3.36
CA PHE A 38 6.85 20.98 2.64
C PHE A 38 5.89 21.04 1.43
N GLU A 39 6.04 20.09 0.51
CA GLU A 39 5.14 19.92 -0.61
C GLU A 39 4.93 18.43 -0.77
N TYR A 40 3.80 18.02 -1.34
CA TYR A 40 3.52 16.60 -1.52
C TYR A 40 2.84 16.32 -2.85
N LEU A 41 3.06 15.11 -3.33
CA LEU A 41 2.37 14.55 -4.46
C LEU A 41 1.55 13.39 -3.92
N SER A 42 0.26 13.37 -4.25
CA SER A 42 -0.65 12.28 -3.99
C SER A 42 -1.23 11.82 -5.34
N LEU A 43 -0.77 10.68 -5.82
CA LEU A 43 -1.14 10.16 -7.11
C LEU A 43 -2.02 8.93 -6.93
N GLN A 44 -2.95 8.68 -7.85
CA GLN A 44 -3.89 7.57 -7.74
C GLN A 44 -4.22 6.98 -9.10
N SER A 45 -4.14 5.66 -9.24
CA SER A 45 -4.63 5.03 -10.46
C SER A 45 -6.17 5.02 -10.52
N ILE A 46 -6.70 4.75 -11.70
CA ILE A 46 -8.13 4.62 -11.91
C ILE A 46 -8.54 3.23 -11.41
N PRO A 47 -9.49 3.16 -10.43
CA PRO A 47 -9.93 1.88 -9.89
C PRO A 47 -10.26 0.87 -10.97
N LEU A 48 -9.89 -0.40 -10.77
CA LEU A 48 -10.16 -1.42 -11.79
C LEU A 48 -10.51 -2.80 -11.25
N GLU A 49 -11.34 -3.54 -11.98
CA GLU A 49 -11.69 -4.89 -11.60
C GLU A 49 -10.48 -5.82 -11.68
N THR A 50 -10.29 -6.65 -10.65
CA THR A 50 -9.09 -7.50 -10.55
C THR A 50 -9.45 -8.96 -10.16
N HIS A 51 -8.45 -9.83 -10.02
CA HIS A 51 -8.73 -11.19 -9.55
C HIS A 51 -8.98 -11.06 -8.04
N ALA A 52 -9.62 -12.06 -7.45
CA ALA A 52 -9.85 -12.07 -6.02
C ALA A 52 -8.49 -11.98 -5.32
N VAL A 53 -8.40 -11.21 -4.22
CA VAL A 53 -7.19 -11.16 -3.39
C VAL A 53 -6.73 -12.58 -2.97
N VAL A 54 -7.68 -13.46 -2.66
CA VAL A 54 -7.41 -14.84 -2.28
C VAL A 54 -8.11 -15.74 -3.27
N THR A 55 -7.36 -16.68 -3.83
CA THR A 55 -7.87 -17.70 -4.75
C THR A 55 -9.11 -18.38 -4.21
N PRO A 56 -10.27 -18.14 -4.87
CA PRO A 56 -11.50 -18.88 -4.57
C PRO A 56 -11.31 -20.38 -4.71
N ASN A 57 -12.00 -21.14 -3.87
CA ASN A 57 -12.08 -22.58 -4.03
C ASN A 57 -13.49 -22.99 -4.39
N LYS A 58 -13.64 -24.18 -4.96
CA LYS A 58 -14.93 -24.67 -5.47
C LYS A 58 -15.94 -25.08 -4.39
N ASP A 59 -15.52 -24.99 -3.12
CA ASP A 59 -16.38 -25.34 -1.99
C ASP A 59 -16.97 -24.09 -1.38
N ASP A 60 -16.36 -22.99 -1.73
CA ASP A 60 -16.82 -21.68 -1.29
C ASP A 60 -18.25 -21.39 -1.62
N LYS A 61 -18.90 -20.67 -0.73
CA LYS A 61 -20.24 -20.28 -1.03
C LYS A 61 -20.21 -18.93 -1.75
N ARG A 62 -19.14 -18.18 -1.55
CA ARG A 62 -18.99 -16.87 -2.13
C ARG A 62 -17.82 -16.82 -3.07
N VAL A 63 -18.13 -16.19 -4.17
CA VAL A 63 -17.14 -15.79 -5.07
C VAL A 63 -17.45 -14.30 -4.98
N PRO A 64 -16.47 -13.45 -4.77
CA PRO A 64 -16.70 -12.04 -4.79
C PRO A 64 -17.29 -11.65 -6.10
N LYS A 65 -18.41 -10.99 -6.08
CA LYS A 65 -18.96 -10.62 -7.37
C LYS A 65 -17.92 -9.71 -8.08
N SER A 66 -17.11 -9.02 -7.28
CA SER A 66 -16.12 -8.11 -7.84
C SER A 66 -15.07 -7.69 -6.83
N THR A 67 -13.85 -7.49 -7.28
CA THR A 67 -12.74 -6.99 -6.48
C THR A 67 -12.18 -5.75 -7.21
N ILE A 68 -12.16 -4.62 -6.52
CA ILE A 68 -11.72 -3.36 -7.13
C ILE A 68 -10.36 -2.95 -6.53
N LYS A 69 -9.34 -2.82 -7.39
CA LYS A 69 -8.00 -2.42 -6.94
C LYS A 69 -7.63 -1.00 -7.36
N THR A 70 -7.03 -0.26 -6.45
CA THR A 70 -6.58 1.11 -6.70
C THR A 70 -5.24 1.31 -6.03
N GLN A 71 -4.27 1.83 -6.78
CA GLN A 71 -2.99 2.19 -6.21
C GLN A 71 -2.97 3.69 -5.78
N HIS A 72 -2.51 3.98 -4.57
CA HIS A 72 -2.18 5.34 -4.13
C HIS A 72 -0.64 5.42 -4.04
N PHE A 73 -0.02 6.47 -4.62
CA PHE A 73 1.43 6.70 -4.54
C PHE A 73 1.68 8.10 -4.01
N PHE A 74 2.50 8.19 -2.96
CA PHE A 74 2.74 9.45 -2.28
C PHE A 74 4.23 9.78 -2.33
N SER A 75 4.57 11.06 -2.47
CA SER A 75 5.92 11.54 -2.35
C SER A 75 5.91 12.83 -1.57
N LEU A 76 6.88 13.01 -0.68
CA LEU A 76 6.97 14.27 0.09
C LEU A 76 8.26 14.98 -0.29
N PHE A 77 8.17 16.31 -0.39
CA PHE A 77 9.29 17.14 -0.83
C PHE A 77 9.61 18.18 0.21
N HIS A 78 10.89 18.50 0.34
CA HIS A 78 11.33 19.59 1.17
C HIS A 78 12.47 20.31 0.46
N GLN A 79 12.34 21.64 0.35
CA GLN A 79 13.37 22.51 -0.24
C GLN A 79 13.74 22.15 -1.68
N GLY A 80 12.74 21.85 -2.49
CA GLY A 80 12.99 21.50 -3.88
C GLY A 80 13.58 20.12 -4.10
N LYS A 81 13.51 19.24 -3.10
CA LYS A 81 14.01 17.85 -3.22
C LYS A 81 13.03 16.78 -2.75
N VAL A 82 12.81 15.72 -3.52
CA VAL A 82 12.07 14.57 -3.00
C VAL A 82 12.86 13.88 -1.89
N PHE A 83 12.17 13.38 -0.87
CA PHE A 83 12.85 12.69 0.24
C PHE A 83 12.12 11.49 0.83
N PHE A 84 10.83 11.38 0.54
CA PHE A 84 9.98 10.31 1.05
C PHE A 84 9.04 9.79 -0.06
N SER A 85 8.80 8.49 -0.08
CA SER A 85 7.78 7.92 -0.98
C SER A 85 7.10 6.67 -0.40
N LEU A 86 5.84 6.46 -0.78
CA LEU A 86 4.98 5.44 -0.17
C LEU A 86 4.00 4.91 -1.21
N GLU A 87 3.92 3.59 -1.32
CA GLU A 87 3.10 2.91 -2.29
C GLU A 87 2.11 2.02 -1.54
N VAL A 88 0.83 2.23 -1.80
CA VAL A 88 -0.26 1.61 -1.07
C VAL A 88 -1.32 1.14 -2.05
N TYR A 89 -1.91 -0.02 -1.80
CA TYR A 89 -3.01 -0.48 -2.61
C TYR A 89 -4.22 -0.63 -1.71
N VAL A 90 -5.40 -0.33 -2.27
CA VAL A 90 -6.65 -0.47 -1.55
C VAL A 90 -7.52 -1.39 -2.38
N TYR A 91 -7.92 -2.52 -1.81
CA TYR A 91 -8.84 -3.42 -2.50
C TYR A 91 -10.20 -3.28 -1.83
N VAL A 92 -11.26 -3.20 -2.63
CA VAL A 92 -12.61 -3.31 -2.09
C VAL A 92 -13.21 -4.57 -2.67
N THR A 93 -13.55 -5.54 -1.82
CA THR A 93 -14.14 -6.80 -2.28
C THR A 93 -15.64 -6.81 -2.03
N LEU A 94 -16.39 -7.13 -3.07
CA LEU A 94 -17.84 -7.11 -3.02
C LEU A 94 -18.40 -8.52 -3.14
N TRP A 95 -19.25 -8.88 -2.18
CA TRP A 95 -19.93 -10.16 -2.22
C TRP A 95 -21.38 -9.93 -2.65
N ASP A 96 -22.00 -8.93 -2.05
CA ASP A 96 -23.37 -8.53 -2.35
C ASP A 96 -23.54 -7.02 -2.18
N GLU A 97 -24.79 -6.57 -2.33
CA GLU A 97 -25.22 -5.21 -1.99
C GLU A 97 -24.85 -4.84 -0.53
N ALA A 98 -25.03 -5.80 0.38
CA ALA A 98 -24.99 -5.55 1.83
C ALA A 98 -23.63 -5.80 2.55
N ASP A 99 -22.79 -6.68 2.01
CA ASP A 99 -21.50 -6.99 2.63
C ASP A 99 -20.28 -6.79 1.70
N ALA A 100 -19.24 -6.23 2.30
CA ALA A 100 -18.10 -5.77 1.57
C ALA A 100 -16.95 -5.68 2.55
N GLU A 101 -15.74 -5.72 2.03
CA GLU A 101 -14.54 -5.68 2.83
C GLU A 101 -13.57 -4.72 2.16
N ARG A 102 -12.85 -3.92 2.95
CA ARG A 102 -11.73 -3.17 2.39
C ARG A 102 -10.39 -3.61 2.97
N LEU A 103 -9.37 -3.62 2.12
CA LEU A 103 -8.05 -4.07 2.51
C LEU A 103 -6.99 -3.09 2.05
N ILE A 104 -6.17 -2.60 2.97
CA ILE A 104 -5.09 -1.73 2.63
C ILE A 104 -3.79 -2.53 2.62
N PHE A 105 -3.17 -2.66 1.46
CA PHE A 105 -1.89 -3.38 1.37
C PHE A 105 -0.78 -2.35 1.24
N VAL A 106 0.08 -2.24 2.26
CA VAL A 106 1.17 -1.28 2.25
C VAL A 106 2.33 -1.98 1.58
N SER A 107 2.64 -1.55 0.36
CA SER A 107 3.55 -2.29 -0.50
C SER A 107 4.99 -1.86 -0.25
N LYS A 108 5.25 -0.56 -0.21
CA LYS A 108 6.60 -0.03 -0.24
C LYS A 108 6.64 1.31 0.43
N ALA A 109 7.65 1.54 1.25
CA ALA A 109 7.91 2.88 1.81
C ALA A 109 9.42 3.09 1.71
N ASP A 110 9.89 4.34 1.58
CA ASP A 110 11.31 4.55 1.41
C ASP A 110 11.70 6.00 1.67
N THR A 111 13.01 6.19 1.78
CA THR A 111 13.65 7.44 2.16
C THR A 111 14.91 7.50 1.34
N ASN A 112 15.37 8.70 0.98
CA ASN A 112 16.62 8.82 0.24
C ASN A 112 17.74 9.50 1.03
N GLY A 113 17.43 10.04 2.19
CA GLY A 113 18.42 10.79 2.98
C GLY A 113 18.70 12.22 2.53
N TYR A 114 17.95 12.73 1.54
CA TYR A 114 18.14 14.11 1.02
C TYR A 114 17.16 15.13 1.60
N CYS A 115 17.05 15.18 2.91
CA CYS A 115 16.25 16.15 3.64
C CYS A 115 17.17 16.75 4.72
N ASN A 116 17.21 18.07 4.85
CA ASN A 116 18.14 18.66 5.79
C ASN A 116 17.52 19.11 7.11
N THR A 117 16.21 18.90 7.29
CA THR A 117 15.58 19.14 8.59
C THR A 117 15.10 17.84 9.20
N ARG A 118 14.89 17.85 10.51
CA ARG A 118 14.42 16.69 11.23
C ARG A 118 12.90 16.55 11.11
N VAL A 119 12.45 15.36 10.69
CA VAL A 119 11.03 15.02 10.59
C VAL A 119 10.80 13.59 11.11
N SER A 120 9.56 13.27 11.46
CA SER A 120 9.21 11.92 11.87
C SER A 120 8.63 11.14 10.70
N VAL A 121 9.42 10.22 10.15
CA VAL A 121 9.00 9.51 8.95
C VAL A 121 7.90 8.52 9.29
N ARG A 122 7.88 8.04 10.53
CA ARG A 122 6.85 7.09 10.94
C ARG A 122 5.52 7.77 11.21
N ASP A 123 5.57 8.99 11.76
CA ASP A 123 4.33 9.75 11.97
C ASP A 123 3.73 10.24 10.66
N ILE A 124 4.58 10.41 9.67
CA ILE A 124 4.17 10.77 8.32
C ILE A 124 3.51 9.57 7.65
N THR A 125 4.13 8.40 7.76
CA THR A 125 3.53 7.14 7.23
C THR A 125 2.20 6.79 7.93
N LYS A 126 2.19 6.82 9.25
CA LYS A 126 0.97 6.65 10.05
C LYS A 126 -0.15 7.57 9.58
N ILE A 127 0.13 8.87 9.49
CA ILE A 127 -0.91 9.85 9.17
C ILE A 127 -1.42 9.75 7.71
N ILE A 128 -0.57 9.27 6.80
CA ILE A 128 -1.02 9.02 5.43
C ILE A 128 -1.96 7.82 5.46
N LEU A 129 -1.60 6.75 6.17
CA LEU A 129 -2.47 5.62 6.38
C LEU A 129 -3.77 6.06 7.06
N GLU A 130 -3.70 6.96 8.04
CA GLU A 130 -4.91 7.48 8.64
C GLU A 130 -5.79 8.24 7.64
N PHE A 131 -5.19 8.90 6.65
CA PHE A 131 -5.94 9.52 5.55
C PHE A 131 -6.66 8.50 4.69
N ILE A 132 -5.94 7.46 4.29
CA ILE A 132 -6.56 6.39 3.50
C ILE A 132 -7.73 5.77 4.22
N LEU A 133 -7.60 5.53 5.52
CA LEU A 133 -8.68 4.91 6.29
C LEU A 133 -9.94 5.78 6.33
N SER A 134 -9.79 7.10 6.27
CA SER A 134 -10.94 8.02 6.30
C SER A 134 -11.71 8.14 4.97
N ILE A 135 -11.16 7.56 3.92
CA ILE A 135 -11.83 7.53 2.61
C ILE A 135 -13.02 6.57 2.59
N ASP A 136 -14.17 7.07 2.16
CA ASP A 136 -15.37 6.24 1.93
C ASP A 136 -15.03 5.19 0.84
N PRO A 137 -15.22 3.89 1.15
CA PRO A 137 -14.95 2.88 0.09
C PRO A 137 -15.79 3.08 -1.17
N ASN A 138 -16.95 3.72 -1.04
CA ASN A 138 -17.75 4.10 -2.20
C ASN A 138 -17.03 5.00 -3.19
N TYR A 139 -16.03 5.74 -2.70
CA TYR A 139 -15.19 6.59 -3.58
C TYR A 139 -14.53 5.78 -4.71
N TYR A 140 -14.08 4.57 -4.39
CA TYR A 140 -13.43 3.70 -5.36
C TYR A 140 -14.42 3.01 -6.28
N LEU A 141 -15.68 2.96 -5.87
CA LEU A 141 -16.69 2.17 -6.59
C LEU A 141 -17.48 2.96 -7.62
N GLN A 142 -17.26 4.26 -7.69
CA GLN A 142 -18.13 5.10 -8.52
C GLN A 142 -17.84 4.99 -10.02
N LYS A 143 -16.63 4.58 -10.36
CA LYS A 143 -16.20 4.48 -11.76
C LYS A 143 -15.08 3.46 -11.87
N VAL A 144 -15.43 2.22 -12.21
CA VAL A 144 -14.46 1.12 -12.15
C VAL A 144 -14.19 0.61 -13.58
N LYS A 145 -12.92 0.54 -13.96
CA LYS A 145 -12.56 0.01 -15.26
C LYS A 145 -12.79 -1.51 -15.31
N PRO A 146 -13.67 -1.98 -16.20
CA PRO A 146 -14.03 -3.41 -16.20
C PRO A 146 -12.88 -4.36 -16.57
N ALA A 147 -12.93 -5.60 -16.11
CA ALA A 147 -11.85 -6.55 -16.39
C ALA A 147 -11.94 -7.09 -17.81
N ILE A 148 -13.16 -7.23 -18.29
CA ILE A 148 -13.41 -7.64 -19.67
C ILE A 148 -14.12 -6.48 -20.37
N ARG A 149 -13.50 -5.93 -21.41
CA ARG A 149 -14.14 -4.82 -22.15
C ARG A 149 -14.50 -5.17 -23.59
N SER A 150 -15.75 -4.85 -23.96
CA SER A 150 -16.24 -5.10 -25.31
C SER A 150 -15.69 -4.07 -26.28
N TYR A 151 -15.45 -4.51 -27.50
CA TYR A 151 -14.74 -3.70 -28.48
C TYR A 151 -15.18 -4.10 -29.89
N LYS A 152 -15.32 -3.12 -30.78
CA LYS A 152 -15.58 -3.40 -32.19
C LYS A 152 -14.50 -2.76 -33.03
N LYS A 153 -13.93 -3.53 -33.96
CA LYS A 153 -12.85 -3.03 -34.81
C LYS A 153 -13.30 -2.90 -36.26
N ILE A 154 -13.00 -1.74 -36.85
CA ILE A 154 -13.29 -1.49 -38.26
C ILE A 154 -12.07 -1.90 -39.09
N SER A 155 -12.34 -2.79 -40.09
CA SER A 155 -11.28 -3.43 -40.85
C SER A 155 -10.88 -1.88 -41.89
N PRO A 156 -9.73 -1.88 -42.27
CA PRO A 156 -9.38 -0.69 -43.06
C PRO A 156 -9.91 -0.67 -44.50
N GLU A 157 -10.69 -1.65 -44.87
CA GLU A 157 -11.28 -1.76 -46.21
C GLU A 157 -12.46 -0.79 -46.42
N LEU A 158 -13.03 -0.33 -45.36
CA LEU A 158 -14.22 0.53 -45.43
C LEU A 158 -13.91 1.97 -45.84
N ILE A 159 -12.54 2.34 -45.68
CA ILE A 159 -12.16 3.70 -46.13
C ILE A 159 -11.72 3.67 -47.60
N SER A 160 -12.51 4.30 -48.46
CA SER A 160 -12.22 4.38 -49.90
C SER A 160 -11.41 5.63 -50.24
N ALA A 161 -10.85 5.65 -51.44
CA ALA A 161 -10.03 6.76 -51.92
C ALA A 161 -10.77 8.10 -51.88
N ALA A 162 -12.11 8.03 -51.97
CA ALA A 162 -12.95 9.22 -51.86
C ALA A 162 -13.02 9.80 -50.44
N SER A 163 -12.59 9.02 -49.45
CA SER A 163 -12.44 9.51 -48.09
C SER A 163 -10.98 9.93 -47.85
N LEU A 196 -16.70 2.60 -21.40
CA LEU A 196 -17.64 2.09 -20.41
C LEU A 196 -16.95 1.85 -19.06
N TYR A 197 -17.67 2.19 -17.99
CA TYR A 197 -17.18 2.02 -16.64
C TYR A 197 -18.29 1.43 -15.79
N LEU A 198 -17.90 0.61 -14.82
CA LEU A 198 -18.83 0.00 -13.88
C LEU A 198 -18.94 0.85 -12.64
N SER A 199 -20.06 0.73 -11.94
CA SER A 199 -20.19 1.43 -10.67
C SER A 199 -20.90 0.52 -9.69
N PHE A 200 -20.54 0.64 -8.41
CA PHE A 200 -21.15 -0.19 -7.36
C PHE A 200 -21.41 0.68 -6.16
N THR A 201 -22.13 0.14 -5.18
CA THR A 201 -22.19 0.72 -3.84
C THR A 201 -22.03 -0.35 -2.74
N CYS A 202 -21.50 0.08 -1.61
CA CYS A 202 -21.45 -0.73 -0.40
C CYS A 202 -21.74 0.19 0.79
N PRO A 203 -21.89 -0.39 2.00
CA PRO A 203 -21.99 0.48 3.18
C PRO A 203 -20.66 1.21 3.46
N ARG A 204 -20.72 2.32 4.17
CA ARG A 204 -19.53 3.05 4.54
C ARG A 204 -18.74 2.36 5.65
N GLU A 205 -19.42 1.82 6.66
CA GLU A 205 -18.72 1.07 7.74
C GLU A 205 -18.60 -0.42 7.42
N ILE A 206 -17.44 -0.79 6.93
CA ILE A 206 -17.18 -2.17 6.52
C ILE A 206 -15.88 -2.68 7.11
N LEU A 207 -15.75 -4.00 7.10
CA LEU A 207 -14.56 -4.63 7.65
C LEU A 207 -13.37 -4.12 6.89
N THR A 208 -12.37 -3.67 7.66
CA THR A 208 -11.14 -3.07 7.15
C THR A 208 -9.95 -3.94 7.55
N LYS A 209 -9.06 -4.23 6.61
CA LYS A 209 -7.89 -5.05 6.87
C LYS A 209 -6.68 -4.33 6.37
N ILE A 210 -5.55 -4.51 7.06
CA ILE A 210 -4.27 -3.98 6.66
C ILE A 210 -3.28 -5.15 6.66
N CYS A 211 -2.61 -5.36 5.52
CA CYS A 211 -1.57 -6.38 5.36
C CYS A 211 -0.26 -5.71 4.96
N LEU A 212 0.84 -6.12 5.57
CA LEU A 212 2.17 -5.73 5.12
C LEU A 212 3.16 -6.85 5.37
N PHE A 213 4.24 -6.83 4.61
CA PHE A 213 5.32 -7.80 4.75
C PHE A 213 6.67 -7.04 4.89
N THR A 214 7.27 -7.04 6.09
CA THR A 214 8.57 -6.38 6.29
C THR A 214 9.75 -7.24 5.85
N ARG A 215 10.58 -6.63 5.02
CA ARG A 215 11.84 -7.19 4.62
C ARG A 215 12.81 -6.05 4.29
N PRO A 216 14.03 -6.08 4.87
CA PRO A 216 14.98 -4.99 4.65
C PRO A 216 15.65 -5.07 3.26
N ALA A 217 15.91 -3.89 2.70
CA ALA A 217 16.58 -3.74 1.40
C ALA A 217 17.29 -2.38 1.40
N SER A 218 18.33 -2.24 0.58
CA SER A 218 19.04 -0.95 0.39
C SER A 218 18.06 0.14 0.09
N GLN A 219 17.11 -0.20 -0.78
CA GLN A 219 16.10 0.75 -1.26
C GLN A 219 14.86 0.02 -1.82
N TYR A 220 13.75 0.75 -1.89
CA TYR A 220 12.51 0.25 -2.47
C TYR A 220 12.04 1.13 -3.63
N LEU A 221 12.23 2.44 -3.49
CA LEU A 221 11.65 3.40 -4.42
C LEU A 221 12.69 4.38 -4.98
N PHE A 222 13.87 4.45 -4.33
CA PHE A 222 14.95 5.36 -4.72
C PHE A 222 16.23 4.60 -5.07
N PRO A 223 16.41 4.23 -6.37
CA PRO A 223 17.59 3.48 -6.80
C PRO A 223 18.89 4.16 -6.38
N ASP A 224 19.75 3.38 -5.76
CA ASP A 224 21.11 3.78 -5.31
C ASP A 224 21.18 4.82 -4.19
N SER A 225 20.09 4.96 -3.44
CA SER A 225 20.05 5.92 -2.33
C SER A 225 20.90 5.46 -1.14
N SER A 226 21.22 4.16 -1.10
CA SER A 226 22.12 3.60 -0.13
C SER A 226 23.54 4.16 -0.30
N LYS A 227 23.87 4.63 -1.50
CA LYS A 227 25.11 5.36 -1.76
C LYS A 227 25.16 6.74 -1.05
N ASN A 228 24.02 7.19 -0.57
CA ASN A 228 23.96 8.42 0.20
C ASN A 228 24.27 8.14 1.66
N SER A 229 25.34 8.71 2.15
CA SER A 229 25.78 8.49 3.52
C SER A 229 24.79 9.01 4.58
N LYS A 230 23.97 9.98 4.22
CA LYS A 230 22.92 10.45 5.13
C LYS A 230 21.72 9.49 5.22
N LYS A 231 21.56 8.58 4.26
CA LYS A 231 20.47 7.60 4.33
C LYS A 231 20.66 6.58 5.45
N HIS A 232 19.66 6.51 6.33
CA HIS A 232 19.59 5.50 7.39
C HIS A 232 18.89 4.24 6.88
N ILE A 233 19.66 3.18 6.63
CA ILE A 233 19.11 1.92 6.14
C ILE A 233 18.78 1.07 7.36
N LEU A 234 17.50 0.77 7.57
CA LEU A 234 17.05 -0.07 8.69
C LEU A 234 17.41 -1.56 8.49
N ASN A 235 17.92 -2.23 9.52
CA ASN A 235 18.04 -3.68 9.44
C ASN A 235 16.65 -4.34 9.64
N GLY A 236 16.58 -5.66 9.53
CA GLY A 236 15.27 -6.31 9.53
C GLY A 236 14.50 -6.19 10.84
N GLU A 237 15.23 -6.25 11.95
CA GLU A 237 14.67 -6.08 13.26
C GLU A 237 14.17 -4.65 13.48
N GLU A 238 14.98 -3.65 13.14
CA GLU A 238 14.53 -2.24 13.22
C GLU A 238 13.29 -1.97 12.37
N LEU A 239 13.26 -2.59 11.19
CA LEU A 239 12.18 -2.39 10.26
C LEU A 239 10.86 -2.98 10.80
N MSE A 240 10.91 -4.20 11.34
CA MSE A 240 9.76 -4.79 12.02
C MSE A 240 9.23 -3.92 13.14
O MSE A 240 8.02 -3.73 13.23
CB MSE A 240 10.11 -6.17 12.57
CG MSE A 240 9.04 -6.71 13.50
SE MSE A 240 9.57 -8.51 13.99
CE MSE A 240 10.62 -8.07 15.63
N LYS A 241 10.11 -3.42 14.01
CA LYS A 241 9.71 -2.57 15.15
C LYS A 241 9.22 -1.20 14.72
N TRP A 242 9.64 -0.76 13.57
CA TRP A 242 9.28 0.55 13.07
C TRP A 242 7.82 0.44 12.56
N TRP A 243 7.52 -0.62 11.81
CA TRP A 243 6.17 -0.88 11.35
C TRP A 243 5.26 -1.32 12.48
N GLY A 244 5.82 -1.96 13.51
CA GLY A 244 5.04 -2.35 14.68
C GLY A 244 4.49 -1.13 15.41
N PHE A 245 5.34 -0.13 15.59
CA PHE A 245 4.97 1.09 16.27
C PHE A 245 3.81 1.78 15.54
N ILE A 246 3.93 1.90 14.22
CA ILE A 246 2.93 2.53 13.35
C ILE A 246 1.58 1.83 13.43
N LEU A 247 1.54 0.50 13.19
CA LEU A 247 0.28 -0.23 13.26
C LEU A 247 -0.35 -0.18 14.65
N ASP A 248 0.48 -0.28 15.69
CA ASP A 248 0.03 -0.15 17.07
C ASP A 248 -0.67 1.20 17.31
N ARG A 249 -0.08 2.27 16.80
CA ARG A 249 -0.71 3.60 16.90
C ARG A 249 -1.98 3.67 16.08
N LEU A 250 -1.99 3.02 14.91
CA LEU A 250 -3.16 2.99 14.04
C LEU A 250 -4.32 2.30 14.75
N LEU A 251 -4.03 1.21 15.43
CA LEU A 251 -5.03 0.51 16.26
C LEU A 251 -5.63 1.38 17.35
N ILE A 252 -4.77 2.04 18.11
CA ILE A 252 -5.17 2.87 19.24
C ILE A 252 -5.95 4.10 18.77
N GLU A 253 -5.60 4.64 17.63
CA GLU A 253 -6.19 5.91 17.18
C GLU A 253 -7.37 5.74 16.23
N CYS A 254 -7.41 4.63 15.49
CA CYS A 254 -8.41 4.49 14.42
C CYS A 254 -9.29 3.23 14.43
N PHE A 255 -9.00 2.27 15.32
CA PHE A 255 -9.75 1.02 15.32
C PHE A 255 -10.53 0.77 16.60
N GLN A 256 -11.63 0.02 16.46
CA GLN A 256 -12.41 -0.39 17.62
C GLN A 256 -11.59 -1.42 18.44
N ASN A 257 -11.96 -1.56 19.70
CA ASN A 257 -11.27 -2.41 20.68
C ASN A 257 -11.45 -3.91 20.50
N ASP A 258 -12.20 -4.29 19.48
CA ASP A 258 -12.49 -5.69 19.20
C ASP A 258 -11.80 -6.12 17.88
N THR A 259 -10.73 -5.42 17.55
CA THR A 259 -9.97 -5.59 16.32
C THR A 259 -8.87 -6.66 16.47
N GLN A 260 -8.77 -7.49 15.44
CA GLN A 260 -7.67 -8.43 15.28
C GLN A 260 -6.39 -7.69 14.89
N ALA A 261 -5.30 -8.02 15.57
CA ALA A 261 -3.99 -7.49 15.30
C ALA A 261 -3.02 -8.69 15.37
N LYS A 262 -2.33 -9.02 14.27
CA LYS A 262 -1.53 -10.24 14.18
C LYS A 262 -0.10 -9.99 13.70
N LEU A 263 0.88 -10.69 14.29
CA LEU A 263 2.28 -10.67 13.82
C LEU A 263 2.88 -12.08 13.73
N ARG A 264 3.46 -12.41 12.59
CA ARG A 264 4.30 -13.59 12.50
C ARG A 264 5.63 -13.27 11.83
N ILE A 265 6.67 -13.91 12.35
CA ILE A 265 8.02 -13.75 11.89
C ILE A 265 8.35 -15.14 11.34
N PRO A 266 8.18 -15.32 10.01
CA PRO A 266 8.12 -16.64 9.37
C PRO A 266 9.39 -17.43 9.51
N GLY A 267 9.24 -18.74 9.73
CA GLY A 267 10.37 -19.65 9.96
C GLY A 267 10.95 -19.51 11.36
N GLU A 268 10.46 -18.54 12.13
CA GLU A 268 10.79 -18.44 13.56
C GLU A 268 9.72 -19.11 14.43
N ASP A 269 10.19 -19.77 15.48
CA ASP A 269 9.37 -20.26 16.58
C ASP A 269 8.61 -19.06 17.19
N PRO A 270 7.29 -19.23 17.45
CA PRO A 270 6.46 -18.12 17.93
C PRO A 270 6.74 -17.62 19.37
N ALA A 271 7.81 -18.11 19.99
CA ALA A 271 8.15 -17.75 21.37
C ALA A 271 8.73 -16.34 21.48
N ARG A 272 9.54 -15.93 20.50
CA ARG A 272 10.13 -14.60 20.57
C ARG A 272 9.19 -13.48 20.09
N VAL A 273 8.28 -13.84 19.18
CA VAL A 273 7.24 -12.93 18.71
C VAL A 273 6.37 -12.45 19.89
N ARG A 274 5.96 -13.41 20.73
CA ARG A 274 5.11 -13.16 21.89
C ARG A 274 5.77 -12.22 22.91
N SER A 275 7.09 -12.33 23.02
CA SER A 275 7.90 -11.43 23.84
C SER A 275 7.86 -9.99 23.34
N TYR A 276 8.16 -9.78 22.05
CA TYR A 276 8.09 -8.46 21.44
C TYR A 276 6.71 -7.79 21.64
N LEU A 277 5.64 -8.54 21.38
CA LEU A 277 4.26 -8.03 21.43
C LEU A 277 3.80 -7.54 22.80
N ARG A 278 4.49 -7.95 23.86
CA ARG A 278 4.12 -7.55 25.21
C ARG A 278 4.32 -6.06 25.48
N GLY A 279 5.11 -5.42 24.62
CA GLY A 279 5.39 -3.99 24.75
C GLY A 279 4.47 -3.10 23.93
N MSE A 280 3.45 -3.71 23.30
CA MSE A 280 2.47 -2.99 22.50
C MSE A 280 1.43 -2.38 23.41
O MSE A 280 1.17 -2.90 24.47
CB MSE A 280 1.81 -3.97 21.52
CG MSE A 280 2.75 -4.59 20.47
SE MSE A 280 3.42 -3.30 19.14
CE MSE A 280 3.62 -4.51 17.59
N LYS A 281 0.84 -1.26 22.98
CA LYS A 281 -0.17 -0.54 23.78
C LYS A 281 -1.63 -0.92 23.41
N TYR A 282 -1.85 -1.33 22.17
CA TYR A 282 -3.09 -1.96 21.81
C TYR A 282 -3.09 -3.34 22.53
N PRO A 283 -4.15 -3.62 23.33
CA PRO A 283 -4.13 -4.78 24.24
C PRO A 283 -4.33 -6.18 23.64
N LEU A 284 -4.65 -6.29 22.34
CA LEU A 284 -5.05 -7.57 21.74
C LEU A 284 -4.22 -8.09 20.56
N TRP A 285 -2.91 -7.81 20.55
CA TRP A 285 -1.98 -8.38 19.58
C TRP A 285 -1.88 -9.88 19.81
N GLN A 286 -1.84 -10.67 18.75
CA GLN A 286 -1.65 -12.10 18.91
C GLN A 286 -0.61 -12.52 17.90
N VAL A 287 0.12 -13.60 18.18
CA VAL A 287 1.02 -14.22 17.21
C VAL A 287 0.19 -14.91 16.12
N GLY A 288 0.54 -14.70 14.86
CA GLY A 288 -0.10 -15.41 13.77
C GLY A 288 -0.43 -14.48 12.63
N ASP A 289 -1.54 -14.76 11.92
CA ASP A 289 -1.96 -13.93 10.82
C ASP A 289 -3.51 -13.80 10.77
N ILE A 290 -4.00 -12.88 9.94
CA ILE A 290 -5.43 -12.69 9.74
C ILE A 290 -6.08 -13.62 8.69
N PHE A 291 -5.33 -14.64 8.25
CA PHE A 291 -5.80 -15.46 7.11
C PHE A 291 -6.70 -16.62 7.55
N THR A 292 -7.56 -17.04 6.64
CA THR A 292 -8.55 -18.06 6.92
C THR A 292 -7.87 -19.43 6.94
N SER A 293 -8.62 -20.51 7.08
CA SER A 293 -8.02 -21.84 7.06
C SER A 293 -8.83 -22.80 6.19
N LYS A 294 -9.37 -22.28 5.08
CA LYS A 294 -10.23 -23.05 4.18
C LYS A 294 -9.44 -24.26 3.60
N GLU A 295 -10.09 -25.29 3.16
CA GLU A 295 -9.51 -26.45 2.46
C GLU A 295 -8.35 -27.30 3.01
N ASN A 296 -8.07 -27.63 4.26
CA ASN A 296 -6.90 -28.57 4.27
C ASN A 296 -5.68 -27.88 4.73
N SER A 297 -6.09 -26.65 4.94
CA SER A 297 -5.30 -25.51 5.26
C SER A 297 -4.27 -25.36 4.15
N LEU A 298 -4.71 -25.66 2.92
CA LEU A 298 -3.87 -25.46 1.72
C LEU A 298 -3.61 -23.96 1.68
N ALA A 299 -2.34 -23.54 1.52
CA ALA A 299 -1.92 -22.14 1.53
C ALA A 299 -2.50 -21.29 0.39
N VAL A 300 -2.63 -21.93 -0.76
CA VAL A 300 -3.11 -21.36 -2.01
C VAL A 300 -4.53 -20.83 -1.88
N TYR A 301 -5.35 -21.45 -1.01
CA TYR A 301 -6.74 -21.03 -0.78
C TYR A 301 -6.89 -20.05 0.40
N ASN A 302 -5.77 -19.58 0.93
CA ASN A 302 -5.77 -18.75 2.14
C ASN A 302 -4.84 -17.55 2.06
N ILE A 303 -3.71 -17.73 1.39
CA ILE A 303 -2.74 -16.67 1.13
C ILE A 303 -3.19 -15.61 0.11
N PRO A 304 -3.22 -14.31 0.54
CA PRO A 304 -3.56 -13.21 -0.31
C PRO A 304 -2.40 -12.92 -1.28
N LEU A 305 -2.74 -12.57 -2.52
CA LEU A 305 -1.78 -12.42 -3.61
C LEU A 305 -1.67 -10.94 -3.98
N PHE A 306 -0.61 -10.31 -3.46
CA PHE A 306 -0.39 -8.87 -3.62
C PHE A 306 0.75 -8.58 -4.63
N PRO A 307 0.75 -7.38 -5.25
CA PRO A 307 1.83 -7.00 -6.19
C PRO A 307 3.23 -7.00 -5.57
N ASP A 308 4.16 -7.73 -6.18
CA ASP A 308 5.56 -7.67 -5.76
C ASP A 308 5.80 -8.27 -4.38
N ASP A 309 4.90 -9.12 -3.91
CA ASP A 309 4.93 -9.52 -2.51
C ASP A 309 5.58 -10.86 -2.40
N PRO A 310 6.43 -11.07 -1.37
CA PRO A 310 7.06 -12.39 -1.21
C PRO A 310 6.09 -13.57 -1.11
N LYS A 311 4.94 -13.39 -0.46
CA LYS A 311 3.97 -14.47 -0.33
C LYS A 311 3.54 -14.92 -1.74
N ALA A 312 3.20 -13.94 -2.59
CA ALA A 312 2.76 -14.20 -3.98
C ALA A 312 3.84 -14.81 -4.89
N ARG A 313 5.06 -14.31 -4.76
CA ARG A 313 6.22 -14.82 -5.48
C ARG A 313 6.44 -16.33 -5.20
N PHE A 314 6.27 -16.74 -3.95
CA PHE A 314 6.41 -18.16 -3.60
C PHE A 314 5.20 -19.00 -4.06
N ILE A 315 4.01 -18.44 -3.99
CA ILE A 315 2.82 -19.11 -4.54
C ILE A 315 3.03 -19.40 -6.04
N HIS A 316 3.56 -18.42 -6.77
CA HIS A 316 3.84 -18.61 -8.19
C HIS A 316 4.91 -19.67 -8.42
N GLN A 317 5.93 -19.65 -7.58
CA GLN A 317 6.96 -20.68 -7.59
C GLN A 317 6.39 -22.08 -7.40
N LEU A 318 5.45 -22.22 -6.46
CA LEU A 318 4.78 -23.50 -6.19
C LEU A 318 3.89 -23.94 -7.35
N ALA A 319 3.20 -22.97 -7.96
CA ALA A 319 2.41 -23.21 -9.16
C ALA A 319 3.29 -23.82 -10.26
N GLU A 320 4.50 -23.29 -10.40
CA GLU A 320 5.47 -23.78 -11.40
C GLU A 320 5.95 -25.22 -11.16
N GLU A 321 5.75 -25.74 -9.94
CA GLU A 321 6.16 -27.10 -9.59
C GLU A 321 4.98 -28.04 -9.38
N ASP A 322 3.77 -27.51 -9.57
CA ASP A 322 2.51 -28.27 -9.42
C ASP A 322 2.28 -28.76 -7.99
N ARG A 323 2.38 -27.83 -7.04
CA ARG A 323 2.38 -28.19 -5.62
C ARG A 323 1.39 -27.36 -4.78
N LEU A 324 0.51 -26.61 -5.43
CA LEU A 324 -0.47 -25.80 -4.71
C LEU A 324 -1.58 -26.65 -4.09
N LEU A 325 -1.63 -27.92 -4.44
CA LEU A 325 -2.56 -28.86 -3.82
C LEU A 325 -1.89 -29.65 -2.69
N LYS A 326 -0.62 -29.35 -2.42
CA LYS A 326 0.19 -30.16 -1.50
C LYS A 326 0.86 -29.36 -0.39
N VAL A 327 0.78 -28.03 -0.46
CA VAL A 327 1.48 -27.23 0.52
C VAL A 327 0.50 -26.53 1.45
N SER A 328 0.36 -27.10 2.65
CA SER A 328 -0.44 -26.51 3.72
C SER A 328 0.16 -25.18 4.20
N LEU A 329 -0.59 -24.45 5.02
CA LEU A 329 -0.14 -23.13 5.51
C LEU A 329 1.14 -23.23 6.36
N SER A 330 1.17 -24.19 7.28
CA SER A 330 2.29 -24.35 8.20
C SER A 330 3.63 -24.61 7.49
N SER A 331 3.59 -25.51 6.49
CA SER A 331 4.72 -25.73 5.57
C SER A 331 5.04 -24.50 4.76
N PHE A 332 4.02 -23.82 4.23
CA PHE A 332 4.23 -22.61 3.46
C PHE A 332 5.21 -21.66 4.13
N TRP A 333 4.95 -21.37 5.41
CA TRP A 333 5.75 -20.41 6.17
C TRP A 333 7.16 -20.93 6.40
N ILE A 334 7.28 -22.22 6.70
CA ILE A 334 8.58 -22.85 6.82
C ILE A 334 9.37 -22.70 5.51
N GLU A 335 8.84 -23.25 4.41
CA GLU A 335 9.48 -23.21 3.09
C GLU A 335 9.69 -21.79 2.52
N LEU A 336 8.85 -20.84 2.96
CA LEU A 336 9.03 -19.43 2.56
C LEU A 336 10.33 -18.91 3.19
N GLN A 337 10.42 -19.17 4.46
CA GLN A 337 11.54 -18.75 5.26
C GLN A 337 12.88 -19.15 4.66
N GLU A 338 13.02 -20.45 4.43
CA GLU A 338 14.22 -21.07 3.89
C GLU A 338 14.65 -20.45 2.57
N ARG A 339 13.76 -20.15 1.62
CA ARG A 339 14.17 -19.57 0.33
C ARG A 339 14.49 -18.10 0.42
N GLN A 340 13.84 -17.35 1.34
CA GLN A 340 14.02 -15.87 1.41
C GLN A 340 15.13 -15.56 2.32
N GLU A 341 15.20 -16.48 3.18
CA GLU A 341 16.27 -16.43 4.10
C GLU A 341 17.53 -16.84 3.42
N PHE A 342 17.58 -18.02 2.85
CA PHE A 342 18.84 -18.50 2.24
C PHE A 342 19.28 -17.66 1.03
N LYS A 343 18.45 -16.70 0.61
CA LYS A 343 18.83 -15.87 -0.51
C LYS A 343 19.73 -14.72 -0.04
N LEU A 344 19.46 -14.27 1.18
CA LEU A 344 20.20 -13.14 1.78
C LEU A 344 19.80 -13.02 3.21
N SER A 345 19.79 -14.16 3.87
CA SER A 345 19.44 -14.32 5.29
C SER A 345 19.06 -12.96 5.94
N VAL A 346 17.91 -12.90 6.62
CA VAL A 346 17.40 -11.60 7.09
C VAL A 346 15.99 -11.70 7.69
N THR A 347 15.67 -10.94 8.74
CA THR A 347 14.35 -11.00 9.38
C THR A 347 13.23 -10.39 8.53
N SER A 348 12.27 -11.26 8.12
CA SER A 348 11.01 -10.79 7.55
C SER A 348 9.87 -10.96 8.54
N SER A 349 8.93 -10.02 8.55
CA SER A 349 7.71 -10.20 9.34
C SER A 349 6.46 -9.97 8.50
N VAL A 350 5.34 -10.53 8.97
CA VAL A 350 4.05 -10.36 8.32
C VAL A 350 3.08 -9.85 9.36
N MSE A 351 2.46 -8.72 9.08
CA MSE A 351 1.54 -8.10 10.00
C MSE A 351 0.18 -7.97 9.33
O MSE A 351 0.08 -7.74 8.12
CB MSE A 351 2.06 -6.74 10.45
CG MSE A 351 3.28 -6.85 11.37
SE MSE A 351 3.98 -5.08 11.84
CE MSE A 351 5.69 -5.67 12.60
N GLY A 352 -0.86 -8.13 10.14
CA GLY A 352 -2.24 -8.07 9.66
C GLY A 352 -3.13 -7.39 10.69
N ILE A 353 -3.93 -6.45 10.21
CA ILE A 353 -5.01 -5.90 11.04
C ILE A 353 -6.39 -6.25 10.44
N SER A 354 -7.39 -6.43 11.28
CA SER A 354 -8.75 -6.75 10.76
C SER A 354 -9.83 -6.38 11.72
N GLY A 355 -10.61 -5.34 11.40
CA GLY A 355 -11.68 -4.88 12.29
C GLY A 355 -12.40 -3.64 11.79
N TYR A 356 -13.08 -2.90 12.69
CA TYR A 356 -13.86 -1.74 12.24
C TYR A 356 -13.26 -0.43 12.74
N SER A 357 -13.36 0.59 11.92
CA SER A 357 -12.84 1.92 12.24
C SER A 357 -13.65 2.52 13.34
N LEU A 358 -13.02 3.34 14.19
CA LEU A 358 -13.76 4.08 15.21
C LEU A 358 -14.72 5.10 14.61
N ALA A 359 -14.37 5.61 13.44
CA ALA A 359 -15.15 6.66 12.77
C ALA A 359 -15.55 6.17 11.41
N THR A 360 -16.80 6.37 11.03
CA THR A 360 -17.25 5.97 9.69
C THR A 360 -16.52 6.76 8.58
N PRO A 361 -15.86 6.04 7.66
CA PRO A 361 -15.18 6.71 6.56
C PRO A 361 -16.16 7.32 5.56
N SER A 362 -16.03 8.61 5.29
CA SER A 362 -17.01 9.30 4.46
C SER A 362 -16.41 10.34 3.51
N LEU A 363 -15.09 10.28 3.35
CA LEU A 363 -14.40 11.26 2.54
C LEU A 363 -14.33 10.80 1.10
N PHE A 364 -14.62 11.74 0.20
CA PHE A 364 -14.29 11.61 -1.21
C PHE A 364 -13.14 12.60 -1.45
N PRO A 365 -11.91 12.08 -1.57
CA PRO A 365 -10.76 12.95 -1.76
C PRO A 365 -10.98 13.98 -2.88
N SER A 366 -10.70 15.25 -2.57
CA SER A 366 -10.78 16.34 -3.56
C SER A 366 -9.56 16.29 -4.45
N SER A 367 -9.45 17.27 -5.35
CA SER A 367 -8.32 17.41 -6.28
C SER A 367 -7.06 17.94 -5.58
N ALA A 368 -7.25 18.60 -4.44
CA ALA A 368 -6.16 18.88 -3.51
C ALA A 368 -5.66 17.62 -2.76
N ASP A 369 -6.54 16.64 -2.51
CA ASP A 369 -6.16 15.38 -1.83
C ASP A 369 -5.44 14.39 -2.76
N VAL A 370 -5.94 14.22 -3.98
CA VAL A 370 -5.35 13.27 -4.94
C VAL A 370 -5.36 13.81 -6.37
N ILE A 371 -4.41 13.33 -7.16
CA ILE A 371 -4.36 13.60 -8.59
C ILE A 371 -4.55 12.25 -9.25
N VAL A 372 -5.55 12.18 -10.12
CA VAL A 372 -5.86 10.97 -10.86
C VAL A 372 -5.62 11.22 -12.37
N PRO A 373 -4.43 10.82 -12.88
CA PRO A 373 -4.13 10.88 -14.32
C PRO A 373 -5.19 10.18 -15.18
N LYS A 374 -5.37 10.71 -16.40
CA LYS A 374 -6.31 10.21 -17.39
C LYS A 374 -5.96 8.83 -17.90
N SER A 375 -4.71 8.43 -17.73
CA SER A 375 -4.21 7.21 -18.36
C SER A 375 -3.33 6.42 -17.40
N ARG A 376 -3.24 5.12 -17.65
CA ARG A 376 -2.25 4.28 -17.01
C ARG A 376 -0.82 4.70 -17.40
N LYS A 377 -0.61 5.08 -18.66
CA LYS A 377 0.69 5.56 -19.15
C LYS A 377 1.10 6.87 -18.49
N GLN A 378 0.13 7.76 -18.28
CA GLN A 378 0.42 9.00 -17.58
C GLN A 378 0.70 8.73 -16.09
N PHE A 379 0.02 7.73 -15.51
CA PHE A 379 0.23 7.38 -14.09
C PHE A 379 1.69 6.94 -13.93
N ARG A 380 2.08 5.96 -14.74
CA ARG A 380 3.41 5.35 -14.79
C ARG A 380 4.53 6.32 -15.09
N ALA A 381 4.26 7.29 -15.98
CA ALA A 381 5.23 8.31 -16.35
C ALA A 381 5.55 9.20 -15.16
N ILE A 382 4.53 9.67 -14.46
CA ILE A 382 4.72 10.51 -13.27
C ILE A 382 5.46 9.74 -12.17
N LYS A 383 4.96 8.56 -11.81
CA LYS A 383 5.63 7.71 -10.83
C LYS A 383 7.10 7.45 -11.21
N LYS A 384 7.37 7.23 -12.48
CA LYS A 384 8.72 6.90 -12.96
C LYS A 384 9.74 8.05 -12.85
N TYR A 385 9.25 9.30 -12.81
CA TYR A 385 10.11 10.43 -12.40
C TYR A 385 10.71 10.29 -11.01
N ILE A 386 10.00 9.60 -10.11
CA ILE A 386 10.51 9.35 -8.76
C ILE A 386 11.34 8.06 -8.77
N THR A 387 10.73 6.99 -9.24
CA THR A 387 11.34 5.66 -9.17
C THR A 387 12.40 5.33 -10.21
N GLY A 388 12.41 6.06 -11.33
CA GLY A 388 13.36 5.76 -12.43
C GLY A 388 14.67 6.53 -12.33
N GLU A 389 14.79 7.31 -11.28
CA GLU A 389 15.90 8.24 -11.08
C GLU A 389 17.03 7.60 -10.27
N GLU A 390 18.24 8.13 -10.36
CA GLU A 390 19.40 7.67 -9.59
C GLU A 390 19.64 8.59 -8.39
N TYR A 391 19.84 7.99 -7.22
CA TYR A 391 19.92 8.73 -5.95
C TYR A 391 21.26 8.61 -5.22
N ASP A 392 22.32 8.28 -5.97
CA ASP A 392 23.66 8.31 -5.43
C ASP A 392 24.16 9.72 -5.11
N THR A 393 23.54 10.72 -5.75
CA THR A 393 23.80 12.16 -5.49
C THR A 393 22.49 12.96 -5.26
N GLU A 394 22.58 14.09 -4.57
CA GLU A 394 21.43 14.93 -4.30
C GLU A 394 20.74 15.40 -5.59
N GLU A 395 21.50 15.45 -6.67
CA GLU A 395 20.95 15.79 -7.98
C GLU A 395 19.73 14.96 -8.41
N GLY A 396 19.70 13.66 -8.11
CA GLY A 396 18.51 12.83 -8.35
C GLY A 396 17.25 13.30 -7.60
N ALA A 397 17.41 13.72 -6.37
CA ALA A 397 16.30 14.24 -5.57
C ALA A 397 15.79 15.56 -6.16
N ILE A 398 16.70 16.34 -6.77
CA ILE A 398 16.33 17.61 -7.41
C ILE A 398 15.64 17.39 -8.75
N GLU A 399 16.20 16.52 -9.57
CA GLU A 399 15.62 16.22 -10.87
C GLU A 399 14.23 15.62 -10.76
N ALA A 400 14.01 14.78 -9.75
CA ALA A 400 12.70 14.17 -9.51
C ALA A 400 11.66 15.24 -9.18
N PHE A 401 12.04 16.19 -8.33
CA PHE A 401 11.21 17.38 -8.04
C PHE A 401 10.95 18.19 -9.29
N THR A 402 12.01 18.57 -9.98
CA THR A 402 11.93 19.34 -11.22
C THR A 402 11.02 18.69 -12.26
N ASN A 403 11.18 17.40 -12.50
CA ASN A 403 10.43 16.69 -13.53
C ASN A 403 8.94 16.55 -13.20
N ILE A 404 8.63 16.29 -11.94
CA ILE A 404 7.26 16.06 -11.50
C ILE A 404 6.54 17.38 -11.58
N ARG A 405 7.21 18.43 -11.14
CA ARG A 405 6.62 19.76 -11.06
C ARG A 405 6.32 20.29 -12.43
N ASP A 406 7.24 20.07 -13.35
CA ASP A 406 7.08 20.52 -14.74
C ASP A 406 5.99 19.74 -15.47
N PHE A 407 5.97 18.43 -15.28
CA PHE A 407 4.94 17.60 -15.87
C PHE A 407 3.54 18.01 -15.42
N LEU A 408 3.35 18.20 -14.12
CA LEU A 408 2.05 18.58 -13.56
C LEU A 408 1.59 19.94 -14.06
N LEU A 409 2.50 20.91 -14.08
CA LEU A 409 2.18 22.26 -14.57
C LEU A 409 1.84 22.31 -16.06
N LEU A 410 2.70 21.72 -16.88
CA LEU A 410 2.54 21.73 -18.33
C LEU A 410 1.41 20.82 -18.86
N ARG A 411 1.27 19.61 -18.31
CA ARG A 411 0.27 18.67 -18.82
C ARG A 411 -1.05 18.68 -18.06
N MSE A 412 -1.08 19.24 -16.85
CA MSE A 412 -2.29 19.21 -16.04
C MSE A 412 -2.64 20.52 -15.34
O MSE A 412 -3.59 20.58 -14.56
CB MSE A 412 -2.21 18.06 -15.01
CG MSE A 412 -1.65 16.77 -15.55
SE MSE A 412 -1.68 15.25 -14.30
CE MSE A 412 -3.62 15.14 -14.02
N ALA A 413 -1.86 21.57 -15.60
CA ALA A 413 -2.00 22.88 -14.95
C ALA A 413 -2.25 22.79 -13.44
N THR A 414 -1.56 21.86 -12.78
CA THR A 414 -1.72 21.61 -11.34
C THR A 414 -0.37 21.73 -10.63
N ASN A 415 -0.36 22.39 -9.47
CA ASN A 415 0.87 22.47 -8.68
C ASN A 415 0.92 21.30 -7.66
N LEU A 416 2.11 20.95 -7.20
CA LEU A 416 2.22 20.11 -6.02
C LEU A 416 1.67 20.94 -4.87
N GLN A 417 1.20 20.25 -3.85
CA GLN A 417 0.55 20.93 -2.74
C GLN A 417 1.59 21.36 -1.71
N SER A 418 1.49 22.58 -1.20
CA SER A 418 2.37 22.96 -0.12
C SER A 418 1.68 23.01 1.24
N LEU A 419 2.46 22.75 2.29
CA LEU A 419 2.00 22.60 3.66
C LEU A 419 2.99 23.41 4.47
N THR A 420 2.49 23.94 5.58
CA THR A 420 3.31 24.40 6.70
C THR A 420 3.05 23.46 7.89
N GLY A 421 4.10 22.83 8.44
CA GLY A 421 3.95 22.01 9.65
C GLY A 421 3.30 22.75 10.80
N LYS A 422 2.61 22.00 11.67
CA LYS A 422 2.00 22.58 12.90
C LYS A 422 2.51 21.99 14.21
N ARG A 423 3.24 20.87 14.14
CA ARG A 423 3.68 20.19 15.35
C ARG A 423 4.81 20.87 16.11
N GLU A 424 4.55 21.19 17.37
CA GLU A 424 5.56 21.77 18.28
C GLU A 424 6.61 20.73 18.73
N HIS A 425 7.74 21.21 19.24
CA HIS A 425 8.88 20.34 19.57
C HIS A 425 8.86 19.90 21.04
#